data_3QAW
#
_entry.id   3QAW
#
_cell.length_a   90.393
_cell.length_b   57.611
_cell.length_c   55.449
_cell.angle_alpha   90.00
_cell.angle_beta   123.84
_cell.angle_gamma   90.00
#
_symmetry.space_group_name_H-M   'C 1 2 1'
#
loop_
_entity.id
_entity.type
_entity.pdbx_description
1 polymer 'Rho-class glutathione S-transferase'
2 non-polymer GLUTATHIONE
3 water water
#
_entity_poly.entity_id   1
_entity_poly.type   'polypeptide(L)'
_entity_poly.pdbx_seq_one_letter_code
;MGSSHHHHHHSSGLVPRGSHMATTSKPFVYWGSGSPPCWKVLLVLQEKKIDYDEKIISFSKKEHKSEEILELNPRGQVPT
FTDGDVVVNESTAICMYLEEKYPKVPLFPSDTTIRAKVYQRMFETSNISTNVMEFVQYKMKNKDSIDQVLLKEKKDKAHV
ELGHWENYLKQTGGFVATKEFTMADVFFFPMVALIVRQGANLKDSYPNIFKYYNMMMDRPTIVKTMPPHWAESDSPGNLL
DLC
;
_entity_poly.pdbx_strand_id   A
#
loop_
_chem_comp.id
_chem_comp.type
_chem_comp.name
_chem_comp.formula
GSH non-polymer GLUTATHIONE 'C10 H17 N3 O6 S'
#
# COMPACT_ATOMS: atom_id res chain seq x y z
N SER A 25 -17.44 -21.42 -2.81
CA SER A 25 -17.17 -20.01 -3.20
C SER A 25 -15.68 -19.68 -3.27
N LYS A 26 -15.26 -19.11 -4.39
CA LYS A 26 -13.88 -18.75 -4.60
C LYS A 26 -13.80 -17.28 -5.01
N PRO A 27 -13.03 -16.47 -4.26
CA PRO A 27 -12.85 -15.03 -4.50
C PRO A 27 -12.28 -14.72 -5.88
N PHE A 28 -12.67 -13.57 -6.42
CA PHE A 28 -12.18 -13.10 -7.71
C PHE A 28 -11.81 -11.64 -7.54
N VAL A 29 -10.62 -11.28 -7.98
CA VAL A 29 -10.16 -9.90 -7.83
C VAL A 29 -9.55 -9.31 -9.10
N TYR A 30 -10.10 -8.18 -9.54
CA TYR A 30 -9.60 -7.45 -10.72
C TYR A 30 -8.64 -6.44 -10.13
N TRP A 31 -7.41 -6.38 -10.63
CA TRP A 31 -6.44 -5.44 -10.12
C TRP A 31 -5.41 -5.03 -11.15
N GLY A 32 -4.69 -3.96 -10.86
CA GLY A 32 -3.68 -3.48 -11.79
C GLY A 32 -2.32 -3.41 -11.13
N SER A 33 -1.30 -3.18 -11.95
CA SER A 33 0.07 -3.11 -11.49
C SER A 33 0.47 -1.78 -10.87
N GLY A 34 1.11 -1.82 -9.71
CA GLY A 34 1.59 -0.62 -9.05
C GLY A 34 0.59 0.15 -8.23
N SER A 35 -0.56 -0.47 -7.96
CA SER A 35 -1.63 0.15 -7.18
C SER A 35 -1.69 -0.32 -5.73
N PRO A 36 -1.42 0.58 -4.77
CA PRO A 36 -1.46 0.21 -3.34
C PRO A 36 -2.81 -0.37 -2.90
N PRO A 37 -3.93 0.19 -3.40
CA PRO A 37 -5.21 -0.38 -2.99
C PRO A 37 -5.32 -1.88 -3.38
N CYS A 38 -4.81 -2.21 -4.56
CA CYS A 38 -4.84 -3.58 -5.05
C CYS A 38 -3.87 -4.47 -4.28
N TRP A 39 -2.70 -3.92 -3.99
CA TRP A 39 -1.66 -4.65 -3.25
C TRP A 39 -2.19 -5.07 -1.89
N LYS A 40 -2.87 -4.14 -1.20
CA LYS A 40 -3.45 -4.45 0.11
C LYS A 40 -4.26 -5.73 0.04
N VAL A 41 -5.13 -5.79 -0.95
CA VAL A 41 -6.00 -6.94 -1.15
C VAL A 41 -5.23 -8.22 -1.46
N LEU A 42 -4.20 -8.12 -2.31
CA LEU A 42 -3.42 -9.29 -2.66
C LEU A 42 -2.65 -9.81 -1.47
N LEU A 43 -2.09 -8.91 -0.66
CA LEU A 43 -1.34 -9.31 0.52
C LEU A 43 -2.26 -10.08 1.47
N VAL A 44 -3.42 -9.50 1.76
CA VAL A 44 -4.38 -10.14 2.66
C VAL A 44 -4.68 -11.55 2.17
N LEU A 45 -5.00 -11.67 0.88
CA LEU A 45 -5.32 -12.97 0.26
C LEU A 45 -4.19 -13.99 0.40
N GLN A 46 -2.97 -13.56 0.10
CA GLN A 46 -1.78 -14.41 0.19
C GLN A 46 -1.44 -14.78 1.63
N GLU A 47 -1.39 -13.77 2.49
CA GLU A 47 -1.07 -13.97 3.90
C GLU A 47 -2.02 -14.94 4.58
N LYS A 48 -3.28 -14.91 4.19
CA LYS A 48 -4.25 -15.82 4.78
C LYS A 48 -4.31 -17.08 3.94
N LYS A 49 -3.51 -17.12 2.87
CA LYS A 49 -3.42 -18.27 1.98
C LYS A 49 -4.75 -18.70 1.37
N ILE A 50 -5.55 -17.74 0.96
CA ILE A 50 -6.84 -18.00 0.33
C ILE A 50 -6.62 -18.14 -1.17
N ASP A 51 -7.13 -19.22 -1.75
CA ASP A 51 -7.00 -19.46 -3.19
C ASP A 51 -8.01 -18.57 -3.90
N TYR A 52 -7.53 -17.72 -4.81
CA TYR A 52 -8.42 -16.82 -5.53
C TYR A 52 -8.18 -16.76 -7.03
N ASP A 53 -9.17 -16.24 -7.76
CA ASP A 53 -9.11 -16.07 -9.20
C ASP A 53 -8.82 -14.59 -9.42
N GLU A 54 -8.18 -14.26 -10.53
CA GLU A 54 -7.86 -12.88 -10.78
C GLU A 54 -7.87 -12.50 -12.25
N LYS A 55 -7.92 -11.20 -12.47
CA LYS A 55 -7.88 -10.62 -13.80
C LYS A 55 -6.92 -9.43 -13.66
N ILE A 56 -5.73 -9.55 -14.25
CA ILE A 56 -4.75 -8.48 -14.18
C ILE A 56 -5.07 -7.57 -15.34
N ILE A 57 -5.62 -6.40 -15.03
CA ILE A 57 -6.01 -5.45 -16.05
C ILE A 57 -4.91 -4.49 -16.41
N SER A 58 -5.03 -3.91 -17.60
CA SER A 58 -4.07 -2.93 -18.08
C SER A 58 -4.64 -1.52 -17.92
N PHE A 59 -3.96 -0.70 -17.12
CA PHE A 59 -4.37 0.68 -16.92
C PHE A 59 -4.13 1.47 -18.19
N SER A 60 -2.94 1.30 -18.78
CA SER A 60 -2.59 2.04 -19.99
C SER A 60 -3.59 1.79 -21.11
N LYS A 61 -4.19 0.60 -21.11
CA LYS A 61 -5.19 0.24 -22.10
C LYS A 61 -6.60 0.48 -21.53
N LYS A 62 -6.64 1.17 -20.39
CA LYS A 62 -7.89 1.51 -19.70
C LYS A 62 -8.83 0.36 -19.42
N GLU A 63 -8.29 -0.79 -19.03
CA GLU A 63 -9.14 -1.95 -18.76
C GLU A 63 -9.90 -1.87 -17.45
N HIS A 64 -9.57 -0.89 -16.61
CA HIS A 64 -10.27 -0.71 -15.35
C HIS A 64 -11.64 -0.05 -15.61
N LYS A 65 -11.84 0.38 -16.86
CA LYS A 65 -13.10 1.01 -17.27
C LYS A 65 -13.91 0.09 -18.17
N SER A 66 -13.59 -1.20 -18.18
CA SER A 66 -14.36 -2.10 -19.04
C SER A 66 -15.78 -2.19 -18.52
N GLU A 67 -16.68 -2.69 -19.35
CA GLU A 67 -18.09 -2.83 -18.98
C GLU A 67 -18.23 -3.87 -17.88
N GLU A 68 -17.43 -4.91 -17.99
CA GLU A 68 -17.43 -6.01 -17.02
C GLU A 68 -17.10 -5.45 -15.63
N ILE A 69 -16.15 -4.51 -15.59
CA ILE A 69 -15.74 -3.88 -14.33
C ILE A 69 -16.81 -2.89 -13.84
N LEU A 70 -17.37 -2.12 -14.77
CA LEU A 70 -18.38 -1.13 -14.42
C LEU A 70 -19.66 -1.73 -13.85
N GLU A 71 -20.05 -2.92 -14.30
CA GLU A 71 -21.26 -3.50 -13.75
C GLU A 71 -21.11 -3.75 -12.27
N LEU A 72 -19.92 -4.19 -11.87
CA LEU A 72 -19.60 -4.48 -10.47
C LEU A 72 -19.18 -3.25 -9.69
N ASN A 73 -18.50 -2.33 -10.36
CA ASN A 73 -18.00 -1.13 -9.71
C ASN A 73 -18.33 0.11 -10.54
N PRO A 74 -19.40 0.82 -10.17
CA PRO A 74 -19.80 2.02 -10.91
C PRO A 74 -18.72 3.09 -11.04
N ARG A 75 -17.67 3.03 -10.21
CA ARG A 75 -16.62 4.04 -10.31
C ARG A 75 -15.53 3.66 -11.31
N GLY A 76 -15.58 2.44 -11.83
CA GLY A 76 -14.57 2.00 -12.77
C GLY A 76 -13.18 2.06 -12.17
N GLN A 77 -12.99 1.35 -11.06
CA GLN A 77 -11.70 1.33 -10.40
C GLN A 77 -11.34 -0.07 -9.97
N VAL A 78 -10.07 -0.24 -9.61
CA VAL A 78 -9.57 -1.50 -9.10
C VAL A 78 -8.94 -1.13 -7.76
N PRO A 79 -8.99 -2.04 -6.79
CA PRO A 79 -9.60 -3.36 -6.94
C PRO A 79 -11.13 -3.41 -7.01
N THR A 80 -11.63 -4.43 -7.69
CA THR A 80 -13.05 -4.73 -7.82
C THR A 80 -13.02 -6.18 -7.38
N PHE A 81 -13.98 -6.58 -6.55
CA PHE A 81 -13.90 -7.92 -6.01
C PHE A 81 -15.22 -8.61 -5.71
N THR A 82 -15.26 -9.93 -5.92
CA THR A 82 -16.43 -10.76 -5.65
C THR A 82 -16.03 -12.01 -4.87
N ASP A 83 -17.03 -12.65 -4.25
CA ASP A 83 -16.83 -13.89 -3.51
C ASP A 83 -18.24 -14.45 -3.34
N GLY A 84 -18.74 -15.04 -4.44
CA GLY A 84 -20.08 -15.57 -4.45
C GLY A 84 -21.00 -14.44 -4.85
N ASP A 85 -21.92 -14.08 -3.96
CA ASP A 85 -22.86 -13.00 -4.20
C ASP A 85 -22.27 -11.74 -3.58
N VAL A 86 -21.23 -11.95 -2.79
CA VAL A 86 -20.56 -10.85 -2.11
C VAL A 86 -19.74 -10.02 -3.10
N VAL A 87 -20.08 -8.74 -3.21
CA VAL A 87 -19.36 -7.82 -4.09
C VAL A 87 -18.89 -6.67 -3.21
N VAL A 88 -17.59 -6.37 -3.27
CA VAL A 88 -16.98 -5.30 -2.47
C VAL A 88 -15.84 -4.68 -3.27
N ASN A 89 -15.71 -3.36 -3.22
CA ASN A 89 -14.65 -2.72 -3.98
C ASN A 89 -13.63 -1.90 -3.17
N GLU A 90 -14.06 -1.07 -2.24
CA GLU A 90 -13.09 -0.30 -1.46
C GLU A 90 -12.06 -1.30 -0.92
N SER A 91 -10.80 -1.09 -1.24
CA SER A 91 -9.74 -1.99 -0.79
C SER A 91 -9.83 -2.27 0.71
N THR A 92 -10.12 -1.24 1.50
CA THR A 92 -10.22 -1.44 2.95
C THR A 92 -11.43 -2.28 3.35
N ALA A 93 -12.52 -2.18 2.59
CA ALA A 93 -13.70 -2.98 2.90
C ALA A 93 -13.43 -4.44 2.56
N ILE A 94 -12.72 -4.66 1.46
CA ILE A 94 -12.39 -6.01 1.02
C ILE A 94 -11.54 -6.69 2.10
N CYS A 95 -10.49 -6.00 2.55
CA CYS A 95 -9.60 -6.54 3.60
C CYS A 95 -10.38 -6.87 4.86
N MET A 96 -11.28 -5.97 5.27
CA MET A 96 -12.06 -6.22 6.47
C MET A 96 -12.98 -7.42 6.27
N TYR A 97 -13.56 -7.52 5.08
CA TYR A 97 -14.46 -8.64 4.81
C TYR A 97 -13.71 -9.97 4.85
N LEU A 98 -12.50 -9.99 4.27
CA LEU A 98 -11.66 -11.19 4.21
C LEU A 98 -11.22 -11.64 5.59
N GLU A 99 -10.98 -10.66 6.46
CA GLU A 99 -10.57 -10.93 7.83
C GLU A 99 -11.73 -11.60 8.55
N GLU A 100 -12.94 -11.12 8.29
CA GLU A 100 -14.14 -11.65 8.92
C GLU A 100 -14.67 -12.94 8.29
N LYS A 101 -14.49 -13.11 6.99
CA LYS A 101 -14.97 -14.31 6.31
C LYS A 101 -14.02 -15.51 6.49
N TYR A 102 -12.72 -15.25 6.41
CA TYR A 102 -11.71 -16.30 6.57
C TYR A 102 -10.85 -15.98 7.81
N PRO A 103 -11.34 -16.37 8.99
CA PRO A 103 -10.69 -16.14 10.28
C PRO A 103 -9.52 -17.05 10.69
N LYS A 104 -9.28 -18.13 9.95
CA LYS A 104 -8.21 -19.06 10.31
C LYS A 104 -6.83 -18.43 10.53
N VAL A 105 -6.43 -17.49 9.67
CA VAL A 105 -5.14 -16.83 9.82
C VAL A 105 -5.35 -15.35 10.14
N PRO A 106 -5.61 -15.03 11.41
CA PRO A 106 -5.84 -13.65 11.90
C PRO A 106 -4.75 -12.64 11.56
N LEU A 107 -5.15 -11.50 11.03
CA LEU A 107 -4.22 -10.42 10.72
C LEU A 107 -4.35 -9.40 11.83
N PHE A 108 -5.19 -9.73 12.80
CA PHE A 108 -5.41 -8.89 13.97
C PHE A 108 -5.20 -9.75 15.23
N PRO A 109 -4.60 -9.17 16.29
CA PRO A 109 -4.41 -9.96 17.51
C PRO A 109 -5.78 -10.05 18.17
N SER A 110 -5.91 -10.79 19.26
CA SER A 110 -7.20 -10.91 19.92
C SER A 110 -7.44 -9.84 20.97
N ASP A 111 -6.37 -9.28 21.50
CA ASP A 111 -6.51 -8.25 22.51
C ASP A 111 -7.17 -7.01 21.91
N THR A 112 -8.33 -6.65 22.43
CA THR A 112 -9.05 -5.49 21.93
C THR A 112 -8.25 -4.20 22.00
N THR A 113 -7.50 -4.04 23.08
CA THR A 113 -6.66 -2.86 23.28
C THR A 113 -5.53 -2.79 22.27
N ILE A 114 -4.94 -3.94 21.96
CA ILE A 114 -3.85 -4.00 21.00
C ILE A 114 -4.39 -3.87 19.58
N ARG A 115 -5.60 -4.36 19.34
CA ARG A 115 -6.22 -4.26 18.01
C ARG A 115 -6.43 -2.78 17.70
N ALA A 116 -6.74 -2.02 18.74
CA ALA A 116 -6.97 -0.58 18.61
C ALA A 116 -5.73 0.06 17.99
N LYS A 117 -4.55 -0.39 18.39
CA LYS A 117 -3.31 0.17 17.87
C LYS A 117 -3.14 -0.21 16.40
N VAL A 118 -3.55 -1.43 16.06
CA VAL A 118 -3.46 -1.92 14.68
C VAL A 118 -4.37 -1.07 13.80
N TYR A 119 -5.58 -0.78 14.28
CA TYR A 119 -6.54 0.04 13.54
C TYR A 119 -5.99 1.45 13.39
N GLN A 120 -5.39 1.97 14.47
CA GLN A 120 -4.81 3.32 14.45
C GLN A 120 -3.79 3.45 13.34
N ARG A 121 -2.86 2.51 13.27
CA ARG A 121 -1.81 2.54 12.26
C ARG A 121 -2.37 2.33 10.87
N MET A 122 -3.32 1.40 10.73
CA MET A 122 -3.95 1.12 9.44
C MET A 122 -4.50 2.38 8.78
N PHE A 123 -5.40 3.06 9.48
CA PHE A 123 -6.06 4.25 8.98
C PHE A 123 -5.19 5.50 8.94
N GLU A 124 -4.21 5.56 9.82
CA GLU A 124 -3.30 6.70 9.86
C GLU A 124 -2.42 6.70 8.62
N THR A 125 -2.29 5.56 7.95
CA THR A 125 -1.45 5.49 6.76
C THR A 125 -1.97 6.34 5.61
N SER A 126 -3.20 6.84 5.71
CA SER A 126 -3.75 7.68 4.65
C SER A 126 -3.00 8.99 4.59
N ASN A 127 -2.30 9.31 5.68
CA ASN A 127 -1.50 10.52 5.78
C ASN A 127 -0.26 10.45 4.91
N ILE A 128 0.33 9.27 4.79
CA ILE A 128 1.52 9.12 3.96
C ILE A 128 1.17 9.58 2.56
N SER A 129 0.05 9.08 2.07
CA SER A 129 -0.44 9.42 0.75
C SER A 129 -0.50 10.92 0.52
N THR A 130 -1.10 11.64 1.47
CA THR A 130 -1.26 13.09 1.36
C THR A 130 0.00 13.92 1.62
N ASN A 131 0.69 13.66 2.73
CA ASN A 131 1.88 14.44 3.05
C ASN A 131 3.14 13.99 2.30
N VAL A 132 3.21 12.72 1.92
CA VAL A 132 4.35 12.22 1.20
C VAL A 132 4.16 12.33 -0.31
N MET A 133 3.24 11.53 -0.83
CA MET A 133 2.98 11.51 -2.28
C MET A 133 2.62 12.85 -2.90
N GLU A 134 2.36 13.85 -2.08
CA GLU A 134 2.05 15.18 -2.61
C GLU A 134 3.36 15.70 -3.22
N PHE A 135 4.45 15.43 -2.51
CA PHE A 135 5.78 15.85 -2.95
C PHE A 135 6.02 15.39 -4.40
N VAL A 136 5.62 14.16 -4.70
CA VAL A 136 5.80 13.60 -6.04
C VAL A 136 4.79 14.20 -7.01
N GLN A 137 3.54 14.33 -6.57
CA GLN A 137 2.47 14.90 -7.40
C GLN A 137 2.89 16.26 -7.94
N TYR A 138 3.19 17.18 -7.03
CA TYR A 138 3.60 18.53 -7.36
C TYR A 138 4.65 18.61 -8.46
N LYS A 139 5.75 17.88 -8.28
CA LYS A 139 6.82 17.87 -9.26
C LYS A 139 6.37 17.38 -10.63
N MET A 140 5.30 16.59 -10.65
CA MET A 140 4.76 16.06 -11.90
C MET A 140 3.70 16.99 -12.49
N LYS A 141 2.73 17.36 -11.66
CA LYS A 141 1.63 18.23 -12.08
C LYS A 141 2.14 19.56 -12.61
N ASN A 142 2.31 20.53 -11.71
CA ASN A 142 2.78 21.86 -12.07
C ASN A 142 4.28 21.88 -12.40
N LYS A 143 4.73 20.88 -13.16
CA LYS A 143 6.13 20.80 -13.56
C LYS A 143 6.50 22.04 -14.39
N ASP A 144 7.78 22.23 -14.64
CA ASP A 144 8.27 23.38 -15.41
C ASP A 144 8.00 24.66 -14.62
N SER A 145 7.11 24.56 -13.62
CA SER A 145 6.75 25.67 -12.76
C SER A 145 7.27 25.38 -11.36
N ILE A 146 8.56 25.02 -11.29
CA ILE A 146 9.21 24.68 -10.04
C ILE A 146 9.50 25.88 -9.14
N ASP A 147 8.80 25.93 -8.01
CA ASP A 147 8.97 27.01 -7.03
C ASP A 147 9.60 26.44 -5.77
N GLN A 148 10.93 26.51 -5.69
CA GLN A 148 11.66 25.98 -4.54
C GLN A 148 11.34 26.63 -3.19
N VAL A 149 10.57 27.72 -3.19
CA VAL A 149 10.21 28.36 -1.93
C VAL A 149 9.03 27.59 -1.36
N LEU A 150 8.32 26.90 -2.25
CA LEU A 150 7.17 26.08 -1.88
C LEU A 150 7.59 24.62 -1.91
N LEU A 151 8.52 24.30 -2.80
CA LEU A 151 9.03 22.94 -2.93
C LEU A 151 9.63 22.48 -1.60
N LYS A 152 10.36 23.38 -0.95
CA LYS A 152 10.98 23.06 0.32
C LYS A 152 9.92 23.00 1.43
N GLU A 153 8.70 23.40 1.12
CA GLU A 153 7.62 23.37 2.10
C GLU A 153 7.10 21.95 2.24
N LYS A 154 6.63 21.40 1.13
CA LYS A 154 6.08 20.05 1.10
C LYS A 154 7.16 19.01 1.35
N LYS A 155 8.41 19.34 0.99
CA LYS A 155 9.50 18.41 1.21
C LYS A 155 9.66 18.18 2.70
N ASP A 156 9.53 19.24 3.47
CA ASP A 156 9.62 19.17 4.94
C ASP A 156 8.42 18.41 5.51
N LYS A 157 7.27 18.51 4.84
CA LYS A 157 6.07 17.82 5.29
C LYS A 157 6.23 16.32 5.09
N ALA A 158 6.91 15.95 4.00
CA ALA A 158 7.14 14.54 3.70
C ALA A 158 8.01 13.95 4.79
N HIS A 159 9.06 14.68 5.16
CA HIS A 159 9.96 14.22 6.21
C HIS A 159 9.27 14.18 7.57
N VAL A 160 8.42 15.16 7.83
CA VAL A 160 7.68 15.19 9.10
C VAL A 160 6.82 13.94 9.16
N GLU A 161 6.12 13.65 8.07
CA GLU A 161 5.26 12.49 7.97
C GLU A 161 6.04 11.19 8.18
N LEU A 162 7.14 11.02 7.43
CA LEU A 162 7.96 9.82 7.55
C LEU A 162 8.54 9.67 8.95
N GLY A 163 8.81 10.80 9.60
CA GLY A 163 9.37 10.76 10.94
C GLY A 163 8.46 10.01 11.91
N HIS A 164 7.15 10.24 11.78
CA HIS A 164 6.18 9.57 12.63
C HIS A 164 6.33 8.07 12.50
N TRP A 165 6.34 7.58 11.26
CA TRP A 165 6.48 6.15 11.00
C TRP A 165 7.86 5.64 11.44
N GLU A 166 8.89 6.45 11.22
CA GLU A 166 10.24 6.08 11.64
C GLU A 166 10.22 5.81 13.15
N ASN A 167 9.62 6.74 13.90
CA ASN A 167 9.53 6.63 15.35
C ASN A 167 8.74 5.39 15.75
N TYR A 168 7.68 5.10 15.00
CA TYR A 168 6.84 3.92 15.27
C TYR A 168 7.66 2.63 15.17
N LEU A 169 8.35 2.46 14.05
CA LEU A 169 9.19 1.28 13.85
C LEU A 169 10.25 1.26 14.96
N LYS A 170 10.74 2.45 15.30
CA LYS A 170 11.71 2.58 16.37
C LYS A 170 11.07 2.09 17.68
N GLN A 171 9.84 2.52 17.93
CA GLN A 171 9.11 2.14 19.14
C GLN A 171 8.81 0.64 19.25
N THR A 172 8.56 -0.04 18.14
CA THR A 172 8.25 -1.47 18.21
C THR A 172 9.49 -2.32 17.99
N GLY A 173 10.38 -1.87 17.10
CA GLY A 173 11.58 -2.63 16.82
C GLY A 173 11.32 -3.71 15.77
N GLY A 174 10.06 -3.83 15.37
CA GLY A 174 9.68 -4.82 14.38
C GLY A 174 8.75 -4.33 13.28
N PHE A 175 7.46 -4.69 13.39
CA PHE A 175 6.47 -4.29 12.39
C PHE A 175 5.85 -2.94 12.75
N VAL A 176 5.22 -2.29 11.77
CA VAL A 176 4.62 -0.96 11.96
C VAL A 176 3.69 -0.76 13.16
N ALA A 177 3.00 -1.81 13.60
CA ALA A 177 2.07 -1.69 14.72
C ALA A 177 2.43 -2.48 15.99
N THR A 178 3.01 -3.66 15.81
CA THR A 178 3.41 -4.51 16.93
C THR A 178 4.66 -5.30 16.53
N LYS A 179 4.99 -6.34 17.27
CA LYS A 179 6.16 -7.16 16.96
C LYS A 179 5.81 -8.33 16.03
N GLU A 180 4.62 -8.27 15.45
CA GLU A 180 4.15 -9.29 14.52
C GLU A 180 3.53 -8.60 13.31
N PHE A 181 3.37 -9.38 12.25
CA PHE A 181 2.77 -8.88 11.02
C PHE A 181 1.27 -8.77 11.30
N THR A 182 0.68 -7.61 10.99
CA THR A 182 -0.75 -7.41 11.19
C THR A 182 -1.33 -6.68 9.98
N MET A 183 -2.65 -6.45 10.02
CA MET A 183 -3.33 -5.74 8.94
C MET A 183 -2.70 -4.37 8.69
N ALA A 184 -2.11 -3.79 9.73
CA ALA A 184 -1.48 -2.47 9.60
C ALA A 184 -0.31 -2.47 8.61
N ASP A 185 0.47 -3.56 8.58
CA ASP A 185 1.60 -3.67 7.67
C ASP A 185 1.10 -3.85 6.23
N VAL A 186 -0.11 -4.42 6.12
CA VAL A 186 -0.74 -4.64 4.81
C VAL A 186 -1.01 -3.29 4.16
N PHE A 187 -1.34 -2.30 5.00
CA PHE A 187 -1.65 -0.95 4.55
C PHE A 187 -0.40 -0.11 4.35
N PHE A 188 0.50 -0.18 5.32
CA PHE A 188 1.74 0.59 5.33
C PHE A 188 2.80 0.21 4.29
N PHE A 189 3.16 -1.07 4.24
CA PHE A 189 4.21 -1.49 3.32
C PHE A 189 4.06 -1.08 1.85
N PRO A 190 2.89 -1.29 1.25
CA PRO A 190 2.76 -0.91 -0.15
C PRO A 190 3.15 0.55 -0.39
N MET A 191 2.85 1.40 0.59
CA MET A 191 3.18 2.82 0.48
C MET A 191 4.69 3.02 0.58
N VAL A 192 5.31 2.27 1.50
CA VAL A 192 6.75 2.33 1.67
C VAL A 192 7.43 1.89 0.36
N ALA A 193 6.95 0.81 -0.22
CA ALA A 193 7.51 0.28 -1.47
C ALA A 193 7.40 1.31 -2.58
N LEU A 194 6.21 1.87 -2.75
CA LEU A 194 5.99 2.88 -3.78
C LEU A 194 6.98 4.02 -3.60
N ILE A 195 7.23 4.41 -2.36
CA ILE A 195 8.18 5.49 -2.05
C ILE A 195 9.58 5.14 -2.55
N VAL A 196 10.01 3.92 -2.24
CA VAL A 196 11.31 3.45 -2.67
C VAL A 196 11.36 3.30 -4.18
N ARG A 197 10.23 2.93 -4.79
CA ARG A 197 10.14 2.76 -6.23
C ARG A 197 10.40 4.11 -6.88
N GLN A 198 10.12 5.19 -6.14
CA GLN A 198 10.35 6.53 -6.64
C GLN A 198 11.81 6.92 -6.37
N GLY A 199 12.57 6.00 -5.77
CA GLY A 199 13.98 6.24 -5.50
C GLY A 199 14.43 6.92 -4.22
N ALA A 200 13.90 6.50 -3.07
CA ALA A 200 14.28 7.10 -1.79
C ALA A 200 15.42 6.36 -1.09
N ASN A 201 16.54 7.03 -0.88
CA ASN A 201 17.66 6.40 -0.19
C ASN A 201 17.45 6.57 1.32
N LEU A 202 16.59 5.73 1.88
CA LEU A 202 16.25 5.76 3.29
C LEU A 202 17.25 5.05 4.20
N LYS A 203 18.24 4.39 3.59
CA LYS A 203 19.25 3.64 4.34
C LYS A 203 19.78 4.34 5.58
N ASP A 204 20.26 5.57 5.42
CA ASP A 204 20.82 6.31 6.54
C ASP A 204 19.88 7.32 7.18
N SER A 205 18.98 7.90 6.38
CA SER A 205 18.04 8.88 6.90
C SER A 205 16.92 8.25 7.75
N TYR A 206 16.40 7.10 7.31
CA TYR A 206 15.34 6.42 8.04
C TYR A 206 15.72 4.95 8.21
N PRO A 207 16.78 4.68 8.97
CA PRO A 207 17.25 3.32 9.21
C PRO A 207 16.17 2.32 9.60
N ASN A 208 15.18 2.77 10.37
CA ASN A 208 14.12 1.85 10.78
C ASN A 208 13.14 1.54 9.66
N ILE A 209 12.76 2.54 8.88
CA ILE A 209 11.84 2.29 7.78
C ILE A 209 12.57 1.40 6.76
N PHE A 210 13.82 1.74 6.45
CA PHE A 210 14.63 0.99 5.50
C PHE A 210 14.80 -0.44 5.99
N LYS A 211 15.07 -0.60 7.28
CA LYS A 211 15.23 -1.93 7.85
C LYS A 211 13.91 -2.68 7.68
N TYR A 212 12.81 -1.95 7.84
CA TYR A 212 11.46 -2.50 7.72
C TYR A 212 11.19 -2.90 6.28
N TYR A 213 11.63 -2.06 5.35
CA TYR A 213 11.44 -2.31 3.92
C TYR A 213 12.15 -3.59 3.47
N ASN A 214 13.47 -3.65 3.69
CA ASN A 214 14.27 -4.81 3.31
C ASN A 214 13.76 -6.07 3.97
N MET A 215 13.29 -5.93 5.21
CA MET A 215 12.75 -7.06 5.94
C MET A 215 11.49 -7.54 5.23
N MET A 216 10.58 -6.60 5.00
CA MET A 216 9.32 -6.92 4.32
C MET A 216 9.52 -7.46 2.90
N MET A 217 10.37 -6.79 2.13
CA MET A 217 10.68 -7.19 0.76
C MET A 217 11.12 -8.63 0.66
N ASP A 218 11.54 -9.18 1.80
CA ASP A 218 12.02 -10.54 1.90
C ASP A 218 10.93 -11.54 2.25
N ARG A 219 9.80 -11.03 2.71
CA ARG A 219 8.66 -11.90 3.08
C ARG A 219 8.09 -12.51 1.80
N PRO A 220 7.97 -13.85 1.76
CA PRO A 220 7.44 -14.57 0.58
C PRO A 220 6.21 -13.91 -0.07
N THR A 221 5.20 -13.65 0.73
CA THR A 221 3.95 -13.04 0.28
C THR A 221 4.15 -11.72 -0.47
N ILE A 222 5.14 -10.95 -0.05
CA ILE A 222 5.42 -9.67 -0.67
C ILE A 222 6.20 -9.85 -1.97
N VAL A 223 7.13 -10.80 -1.98
CA VAL A 223 7.90 -11.04 -3.19
C VAL A 223 6.92 -11.45 -4.27
N LYS A 224 5.94 -12.28 -3.91
CA LYS A 224 4.93 -12.78 -4.83
C LYS A 224 3.95 -11.73 -5.36
N THR A 225 3.78 -10.63 -4.64
CA THR A 225 2.86 -9.60 -5.08
C THR A 225 3.49 -8.29 -5.54
N MET A 226 4.78 -8.30 -5.87
CA MET A 226 5.41 -7.07 -6.34
C MET A 226 4.70 -6.66 -7.63
N PRO A 227 4.48 -5.34 -7.82
CA PRO A 227 3.80 -4.84 -9.02
C PRO A 227 4.47 -5.37 -10.29
N PRO A 228 3.74 -6.17 -11.08
CA PRO A 228 4.23 -6.77 -12.32
C PRO A 228 5.05 -5.92 -13.29
N HIS A 229 4.64 -4.67 -13.51
CA HIS A 229 5.33 -3.82 -14.48
C HIS A 229 6.62 -3.18 -14.00
N TRP A 230 6.93 -3.31 -12.72
CA TRP A 230 8.13 -2.69 -12.16
C TRP A 230 9.46 -3.27 -12.65
N ALA A 231 9.54 -4.59 -12.76
CA ALA A 231 10.78 -5.22 -13.20
C ALA A 231 11.37 -4.72 -14.52
N GLU A 232 10.53 -4.60 -15.56
CA GLU A 232 11.02 -4.15 -16.86
C GLU A 232 10.80 -2.66 -17.19
N SER A 233 10.64 -1.84 -16.16
CA SER A 233 10.44 -0.41 -16.38
C SER A 233 11.29 0.38 -15.41
N ASP A 234 11.64 1.60 -15.79
CA ASP A 234 12.46 2.45 -14.95
C ASP A 234 11.68 3.21 -13.88
N SER A 235 12.32 3.39 -12.73
CA SER A 235 11.75 4.12 -11.61
C SER A 235 11.41 5.54 -12.04
N PRO A 236 10.24 6.05 -11.63
CA PRO A 236 9.87 7.42 -12.01
C PRO A 236 10.89 8.40 -11.42
N GLY A 237 11.53 7.97 -10.33
CA GLY A 237 12.54 8.76 -9.66
C GLY A 237 12.14 10.11 -9.07
N ASN A 238 10.84 10.38 -8.99
CA ASN A 238 10.38 11.65 -8.44
C ASN A 238 10.75 11.87 -6.98
N LEU A 239 11.47 10.94 -6.38
CA LEU A 239 11.87 11.07 -4.98
C LEU A 239 13.37 10.90 -4.74
N LEU A 240 14.13 10.67 -5.82
CA LEU A 240 15.58 10.49 -5.73
C LEU A 240 16.29 11.52 -4.85
N ASP A 241 15.68 12.69 -4.70
CA ASP A 241 16.25 13.77 -3.90
C ASP A 241 15.75 13.79 -2.45
N LEU A 242 14.64 13.12 -2.19
CA LEU A 242 14.03 13.08 -0.86
C LEU A 242 15.00 13.24 0.30
N CYS A 243 15.84 12.23 0.50
CA CYS A 243 16.81 12.22 1.59
C CYS A 243 18.04 11.39 1.22
N1 GSH B . -10.58 4.01 -2.30
CA1 GSH B . -10.32 3.03 -3.27
C1 GSH B . -9.63 1.88 -2.60
O11 GSH B . -9.98 0.85 -3.04
O12 GSH B . -8.86 2.06 -1.76
CB1 GSH B . -9.52 3.66 -4.41
CG1 GSH B . -9.09 2.80 -5.63
CD1 GSH B . -8.30 3.49 -6.70
OE1 GSH B . -8.07 4.65 -6.55
N2 GSH B . -7.94 2.78 -7.73
CA2 GSH B . -7.20 3.25 -8.84
C2 GSH B . -8.10 3.08 -10.02
O2 GSH B . -8.59 2.10 -10.43
CB2 GSH B . -5.88 2.48 -9.10
SG2 GSH B . -4.71 2.60 -7.76
N3 GSH B . -8.25 4.18 -10.48
CA3 GSH B . -9.03 4.45 -11.58
C3 GSH B . -9.91 5.60 -11.64
O31 GSH B . -10.44 5.61 -12.68
O32 GSH B . -10.12 6.47 -10.80
#